data_1YCT
#
_entry.id   1YCT
#
loop_
_entity.id
_entity.type
_entity.pdbx_description
1 polymer "5'-D(*CP*GP*CP*AP*TP*GP*(3DR)P*GP*TP*AP*CP*GP*C)-3'"
2 polymer "5'-D(*GP*CP*GP*TP*AP*(3DR)P*CP*CP*AP*TP*GP*CP*G)-3'"
#
loop_
_entity_poly.entity_id
_entity_poly.type
_entity_poly.pdbx_seq_one_letter_code
_entity_poly.pdbx_strand_id
1 'polydeoxyribonucleotide' (DC)(DG)(DC)(DA)(DT)(DG)(3DR)(DG)(DT)(DA)(DC)(DG)(DC) A
2 'polydeoxyribonucleotide' (DG)(DC)(DG)(DT)(DA)(3DR)(DC)(DC)(DA)(DT)(DG)(DC)(DG) B
#